data_2OX3
#
_entry.id   2OX3
#
_cell.length_a   44.687
_cell.length_b   83.112
_cell.length_c   174.422
_cell.angle_alpha   90.000
_cell.angle_beta   90.000
_cell.angle_gamma   90.000
#
_symmetry.space_group_name_H-M   'I 2 2 2'
#
loop_
_entity.id
_entity.type
_entity.pdbx_description
1 polymer Fructose-1,6-bisphosphatase
2 non-polymer 6-O-phosphono-beta-D-fructofuranose
3 non-polymer PHOSPHOENOLPYRUVATE
4 water water
#
_entity_poly.entity_id   1
_entity_poly.type   'polypeptide(L)'
_entity_poly.pdbx_seq_one_letter_code
;(MSE)KTLGEFIVEKQHEFSHATGELTALLSAIKLGAKIIHRDINKAGLVDILGASGAENVQGEVQQKLDLFANEKLKAA
LKARDIVAGIASEEEDEIVVFEGCEHAKYVVL(MSE)DPLDGSSNIDVNVSVGTIFSIYRRVTPVGTPVTEEDFLQPGNK
QVAAGYVVYGSST(MSE)LVYTTGCGVHAFTYDPSLGVFCLCQER(MSE)RFPEKGKTYSINEGNYIKFPNGVKKYIKFC
QEEDKSTNRPYTSRYIGSLVADFHRNLLKGGIYLYPSTASHPDGKLRLLYECNP(MSE)AFLAEQAGGKASDGKERILDI
IPETLHQRRSFFVGNDH(MSE)VEDVERFIREFPDA
;
_entity_poly.pdbx_strand_id   A
#
# COMPACT_ATOMS: atom_id res chain seq x y z
N LYS A 2 10.44 21.91 4.71
CA LYS A 2 9.49 22.04 3.62
C LYS A 2 8.25 21.18 3.89
N THR A 3 7.06 21.78 3.80
CA THR A 3 5.83 21.03 4.04
C THR A 3 5.39 20.24 2.83
N LEU A 4 4.44 19.34 3.05
CA LEU A 4 3.90 18.51 1.98
C LEU A 4 3.26 19.40 0.93
N GLY A 5 2.43 20.33 1.38
CA GLY A 5 1.76 21.24 0.46
C GLY A 5 2.72 22.10 -0.34
N GLU A 6 3.85 22.44 0.25
CA GLU A 6 4.83 23.27 -0.45
C GLU A 6 5.60 22.43 -1.45
N PHE A 7 5.71 21.13 -1.17
CA PHE A 7 6.41 20.19 -2.03
C PHE A 7 5.54 19.89 -3.23
N ILE A 8 4.23 19.79 -2.99
CA ILE A 8 3.25 19.53 -4.04
C ILE A 8 3.35 20.64 -5.08
N VAL A 9 3.40 21.88 -4.58
CA VAL A 9 3.50 23.08 -5.42
C VAL A 9 4.80 23.10 -6.21
N GLU A 10 5.90 22.76 -5.54
CA GLU A 10 7.22 22.75 -6.13
C GLU A 10 7.43 21.69 -7.23
N LYS A 11 6.73 20.56 -7.12
CA LYS A 11 6.87 19.49 -8.10
C LYS A 11 5.74 19.51 -9.12
N GLN A 12 5.61 20.64 -9.82
CA GLN A 12 4.57 20.82 -10.83
C GLN A 12 4.56 19.74 -11.91
N HIS A 13 5.74 19.29 -12.32
CA HIS A 13 5.85 18.27 -13.36
C HIS A 13 5.11 16.97 -13.06
N GLU A 14 4.88 16.67 -11.79
CA GLU A 14 4.19 15.44 -11.42
C GLU A 14 2.68 15.56 -11.58
N PHE A 15 2.00 14.43 -11.43
CA PHE A 15 0.54 14.35 -11.52
C PHE A 15 -0.05 15.03 -12.76
N SER A 16 0.58 14.83 -13.91
CA SER A 16 0.07 15.42 -15.14
C SER A 16 -0.05 16.94 -15.03
N HIS A 17 0.73 17.53 -14.12
CA HIS A 17 0.76 18.98 -13.92
C HIS A 17 -0.52 19.60 -13.36
N ALA A 18 -1.46 18.75 -12.92
CA ALA A 18 -2.72 19.22 -12.36
C ALA A 18 -2.53 19.45 -10.86
N THR A 19 -1.45 20.16 -10.52
CA THR A 19 -1.09 20.47 -9.13
C THR A 19 -2.24 20.81 -8.17
N GLY A 20 -3.14 21.67 -8.61
CA GLY A 20 -4.27 22.04 -7.77
C GLY A 20 -5.07 20.86 -7.26
N GLU A 21 -5.27 19.87 -8.12
CA GLU A 21 -6.03 18.68 -7.74
C GLU A 21 -5.27 17.76 -6.79
N LEU A 22 -3.97 17.60 -7.02
CA LEU A 22 -3.17 16.74 -6.15
C LEU A 22 -3.18 17.25 -4.71
N THR A 23 -3.14 18.56 -4.54
CA THR A 23 -3.15 19.17 -3.21
C THR A 23 -4.47 18.86 -2.49
N ALA A 24 -5.59 18.97 -3.21
CA ALA A 24 -6.89 18.70 -2.61
C ALA A 24 -6.98 17.23 -2.21
N LEU A 25 -6.50 16.33 -3.06
CA LEU A 25 -6.52 14.90 -2.80
C LEU A 25 -5.71 14.52 -1.57
N LEU A 26 -4.45 14.95 -1.51
CA LEU A 26 -3.62 14.62 -0.38
C LEU A 26 -4.09 15.35 0.87
N SER A 27 -4.68 16.52 0.70
CA SER A 27 -5.19 17.27 1.85
C SER A 27 -6.23 16.42 2.55
N ALA A 28 -7.06 15.75 1.77
CA ALA A 28 -8.10 14.89 2.33
C ALA A 28 -7.43 13.75 3.09
N ILE A 29 -6.45 13.12 2.46
CA ILE A 29 -5.73 12.01 3.07
C ILE A 29 -5.07 12.39 4.39
N LYS A 30 -4.27 13.45 4.40
CA LYS A 30 -3.59 13.83 5.62
C LYS A 30 -4.55 14.24 6.74
N LEU A 31 -5.69 14.81 6.38
CA LEU A 31 -6.67 15.20 7.40
C LEU A 31 -7.17 13.93 8.05
N GLY A 32 -7.49 12.94 7.22
CA GLY A 32 -7.95 11.67 7.74
C GLY A 32 -6.85 11.07 8.58
N ALA A 33 -5.62 11.17 8.10
CA ALA A 33 -4.46 10.64 8.80
C ALA A 33 -4.28 11.31 10.17
N LYS A 34 -4.56 12.60 10.24
CA LYS A 34 -4.45 13.36 11.48
C LYS A 34 -5.52 12.93 12.47
N ILE A 35 -6.72 12.71 11.96
CA ILE A 35 -7.85 12.30 12.76
C ILE A 35 -7.66 10.90 13.31
N ILE A 36 -7.28 9.98 12.44
CA ILE A 36 -7.06 8.61 12.87
C ILE A 36 -5.92 8.56 13.87
N HIS A 37 -4.83 9.25 13.56
CA HIS A 37 -3.68 9.29 14.44
C HIS A 37 -4.10 9.68 15.85
N ARG A 38 -4.99 10.65 15.94
CA ARG A 38 -5.48 11.14 17.22
C ARG A 38 -6.17 10.05 18.05
N ASP A 39 -7.01 9.26 17.41
CA ASP A 39 -7.70 8.19 18.11
C ASP A 39 -6.77 7.03 18.47
N ILE A 40 -5.80 6.78 17.60
CA ILE A 40 -4.83 5.70 17.81
C ILE A 40 -3.80 6.04 18.89
N ASN A 41 -3.33 7.28 18.89
CA ASN A 41 -2.34 7.72 19.86
C ASN A 41 -2.94 7.82 21.26
N LYS A 42 -4.21 7.47 21.37
CA LYS A 42 -4.91 7.48 22.64
C LYS A 42 -5.90 6.32 22.67
N ALA A 43 -5.44 5.16 22.22
CA ALA A 43 -6.26 3.96 22.18
C ALA A 43 -6.48 3.41 23.59
N GLY A 44 -5.42 3.42 24.40
CA GLY A 44 -5.56 2.93 25.76
C GLY A 44 -6.53 3.77 26.56
N LEU A 45 -6.37 5.08 26.48
CA LEU A 45 -7.22 6.04 27.19
C LEU A 45 -8.71 5.95 26.84
N GLN A 63 -12.02 -4.03 14.15
CA GLN A 63 -13.50 -4.17 14.26
C GLN A 63 -14.12 -2.95 14.97
N LYS A 64 -13.36 -1.87 15.06
CA LYS A 64 -13.86 -0.65 15.71
C LYS A 64 -13.16 0.57 15.13
N LEU A 65 -11.84 0.54 15.11
CA LEU A 65 -11.08 1.66 14.57
C LEU A 65 -11.06 1.55 13.05
N ASP A 66 -11.33 0.36 12.54
CA ASP A 66 -11.38 0.14 11.09
C ASP A 66 -12.53 0.96 10.55
N LEU A 67 -13.66 0.87 11.24
CA LEU A 67 -14.88 1.59 10.88
C LEU A 67 -14.71 3.09 11.03
N PHE A 68 -14.03 3.49 12.10
CA PHE A 68 -13.78 4.90 12.39
C PHE A 68 -12.87 5.49 11.33
N ALA A 69 -11.81 4.77 10.99
CA ALA A 69 -10.87 5.24 9.97
C ALA A 69 -11.62 5.31 8.65
N ASN A 70 -12.43 4.29 8.39
CA ASN A 70 -13.20 4.22 7.15
C ASN A 70 -14.12 5.44 6.99
N GLU A 71 -14.92 5.73 8.00
CA GLU A 71 -15.81 6.88 7.92
C GLU A 71 -15.07 8.20 7.77
N LYS A 72 -14.04 8.40 8.59
CA LYS A 72 -13.26 9.64 8.54
C LYS A 72 -12.62 9.92 7.18
N LEU A 73 -12.05 8.88 6.57
CA LEU A 73 -11.43 9.02 5.26
C LEU A 73 -12.45 9.28 4.17
N LYS A 74 -13.60 8.62 4.26
CA LYS A 74 -14.67 8.82 3.28
C LYS A 74 -15.17 10.25 3.33
N ALA A 75 -15.51 10.72 4.52
CA ALA A 75 -16.01 12.08 4.72
C ALA A 75 -15.03 13.16 4.25
N ALA A 76 -13.75 12.98 4.56
CA ALA A 76 -12.72 13.95 4.17
C ALA A 76 -12.61 14.01 2.66
N LEU A 77 -12.64 12.85 2.01
CA LEU A 77 -12.55 12.79 0.57
C LEU A 77 -13.78 13.44 -0.06
N LYS A 78 -14.95 13.22 0.54
CA LYS A 78 -16.15 13.83 0.00
C LYS A 78 -16.12 15.35 0.18
N ALA A 79 -15.59 15.82 1.31
CA ALA A 79 -15.53 17.25 1.61
C ALA A 79 -14.62 18.11 0.71
N ARG A 80 -13.71 17.49 -0.04
CA ARG A 80 -12.84 18.26 -0.93
C ARG A 80 -13.51 18.42 -2.28
N ASP A 81 -14.64 17.74 -2.45
CA ASP A 81 -15.38 17.82 -3.70
C ASP A 81 -14.39 17.68 -4.84
N ILE A 82 -13.58 16.64 -4.78
CA ILE A 82 -12.56 16.39 -5.78
C ILE A 82 -12.61 14.93 -6.27
N VAL A 83 -13.26 14.08 -5.50
CA VAL A 83 -13.39 12.66 -5.82
C VAL A 83 -14.83 12.30 -6.17
N ALA A 84 -15.00 11.48 -7.20
CA ALA A 84 -16.33 11.06 -7.64
C ALA A 84 -16.92 9.93 -6.81
N GLY A 85 -16.06 9.09 -6.27
CA GLY A 85 -16.53 7.98 -5.46
C GLY A 85 -15.35 7.19 -4.93
N ILE A 86 -15.60 6.34 -3.95
CA ILE A 86 -14.52 5.55 -3.38
C ILE A 86 -14.86 4.08 -3.24
N ALA A 87 -13.82 3.26 -3.16
CA ALA A 87 -13.98 1.83 -2.97
C ALA A 87 -13.17 1.55 -1.71
N SER A 88 -13.78 0.88 -0.75
CA SER A 88 -13.10 0.58 0.51
C SER A 88 -13.07 -0.91 0.80
N GLU A 89 -11.99 -1.36 1.42
CA GLU A 89 -11.83 -2.76 1.75
C GLU A 89 -12.88 -3.15 2.81
N GLU A 90 -13.42 -2.14 3.46
CA GLU A 90 -14.43 -2.34 4.51
C GLU A 90 -15.86 -2.36 3.94
N GLU A 91 -16.00 -1.98 2.68
CA GLU A 91 -17.31 -1.93 2.04
C GLU A 91 -17.55 -2.98 0.96
N ASP A 92 -18.80 -3.44 0.88
CA ASP A 92 -19.20 -4.43 -0.11
C ASP A 92 -19.23 -3.80 -1.50
N GLU A 93 -19.89 -2.66 -1.59
CA GLU A 93 -20.04 -1.95 -2.86
C GLU A 93 -19.18 -0.70 -2.91
N ILE A 94 -19.19 -0.03 -4.06
CA ILE A 94 -18.44 1.19 -4.22
C ILE A 94 -19.33 2.28 -3.65
N VAL A 95 -18.72 3.41 -3.29
CA VAL A 95 -19.48 4.51 -2.73
C VAL A 95 -19.50 5.67 -3.72
N VAL A 96 -20.68 6.06 -4.15
CA VAL A 96 -20.82 7.17 -5.09
C VAL A 96 -21.11 8.44 -4.30
N PHE A 97 -20.28 9.46 -4.48
CA PHE A 97 -20.51 10.70 -3.76
C PHE A 97 -21.54 11.56 -4.45
N GLU A 98 -22.71 11.65 -3.84
CA GLU A 98 -23.81 12.46 -4.37
C GLU A 98 -23.36 13.91 -4.41
N GLY A 99 -23.51 14.52 -5.58
CA GLY A 99 -23.11 15.91 -5.73
C GLY A 99 -21.71 16.02 -6.29
N CYS A 100 -21.04 14.89 -6.45
CA CYS A 100 -19.68 14.88 -6.98
C CYS A 100 -19.58 14.21 -8.34
N GLU A 101 -20.72 14.01 -9.00
CA GLU A 101 -20.77 13.36 -10.31
C GLU A 101 -19.86 14.09 -11.29
N HIS A 102 -19.42 15.28 -10.91
CA HIS A 102 -18.55 16.10 -11.75
C HIS A 102 -17.08 15.76 -11.53
N ALA A 103 -16.76 15.17 -10.38
CA ALA A 103 -15.39 14.80 -10.06
C ALA A 103 -14.86 13.80 -11.09
N LYS A 104 -13.55 13.81 -11.32
CA LYS A 104 -12.93 12.92 -12.31
C LYS A 104 -11.88 11.95 -11.75
N TYR A 105 -11.87 11.79 -10.42
CA TYR A 105 -10.94 10.87 -9.76
C TYR A 105 -11.70 9.90 -8.86
N VAL A 106 -11.15 8.71 -8.69
CA VAL A 106 -11.75 7.74 -7.81
C VAL A 106 -10.63 7.24 -6.90
N VAL A 107 -11.00 6.85 -5.69
CA VAL A 107 -10.01 6.36 -4.73
C VAL A 107 -10.38 5.04 -4.13
N LEU A 108 -9.42 4.14 -4.08
CA LEU A 108 -9.61 2.82 -3.46
C LEU A 108 -8.74 2.92 -2.22
N ASP A 110 -7.50 1.10 1.86
CA ASP A 110 -7.48 0.14 2.95
C ASP A 110 -7.37 1.11 4.12
N PRO A 111 -8.51 1.55 4.67
CA PRO A 111 -8.53 2.49 5.78
C PRO A 111 -7.58 2.17 6.94
N LEU A 112 -7.57 0.93 7.38
CA LEU A 112 -6.70 0.55 8.48
C LEU A 112 -6.11 -0.83 8.28
N ASP A 113 -4.88 -0.85 7.79
CA ASP A 113 -4.13 -2.07 7.51
C ASP A 113 -3.34 -2.53 8.72
N GLY A 114 -3.64 -3.72 9.21
CA GLY A 114 -2.94 -4.24 10.38
C GLY A 114 -3.85 -4.27 11.58
N SER A 115 -5.08 -4.69 11.34
CA SER A 115 -6.13 -4.76 12.35
C SER A 115 -5.68 -5.45 13.64
N SER A 116 -4.90 -6.51 13.52
CA SER A 116 -4.40 -7.24 14.68
C SER A 116 -3.34 -6.49 15.47
N ASN A 117 -3.10 -5.22 15.14
CA ASN A 117 -2.06 -4.45 15.83
C ASN A 117 -2.52 -3.26 16.66
N ILE A 118 -3.77 -2.85 16.49
CA ILE A 118 -4.29 -1.70 17.22
C ILE A 118 -4.25 -1.81 18.74
N ASP A 119 -4.77 -2.92 19.26
CA ASP A 119 -4.82 -3.15 20.72
C ASP A 119 -3.48 -3.40 21.37
N VAL A 120 -2.48 -3.77 20.59
CA VAL A 120 -1.15 -4.05 21.14
C VAL A 120 -0.15 -2.90 20.97
N ASN A 121 -0.65 -1.75 20.55
CA ASN A 121 0.18 -0.55 20.38
C ASN A 121 1.32 -0.76 19.39
N VAL A 122 1.05 -1.63 18.42
CA VAL A 122 1.99 -1.95 17.36
C VAL A 122 1.57 -1.18 16.11
N SER A 123 2.54 -0.83 15.26
CA SER A 123 2.29 -0.09 14.02
C SER A 123 1.18 -0.60 13.14
N VAL A 124 0.39 0.32 12.60
CA VAL A 124 -0.66 0.00 11.64
C VAL A 124 -0.60 1.12 10.61
N GLY A 125 -1.36 1.00 9.52
CA GLY A 125 -1.32 2.05 8.53
C GLY A 125 -2.58 2.20 7.72
N THR A 126 -2.50 3.11 6.75
CA THR A 126 -3.60 3.38 5.84
C THR A 126 -3.00 3.30 4.44
N ILE A 127 -3.72 2.68 3.52
CA ILE A 127 -3.23 2.58 2.15
C ILE A 127 -4.26 3.22 1.24
N PHE A 128 -3.81 3.94 0.21
CA PHE A 128 -4.75 4.52 -0.73
C PHE A 128 -4.22 4.41 -2.15
N SER A 129 -5.15 4.33 -3.09
CA SER A 129 -4.83 4.20 -4.50
C SER A 129 -5.76 5.14 -5.25
N ILE A 130 -5.20 5.93 -6.16
CA ILE A 130 -6.00 6.89 -6.91
C ILE A 130 -5.93 6.67 -8.43
N TYR A 131 -7.11 6.60 -9.04
CA TYR A 131 -7.21 6.42 -10.48
C TYR A 131 -8.02 7.55 -11.10
N ARG A 132 -7.82 7.79 -12.38
CA ARG A 132 -8.61 8.81 -13.05
C ARG A 132 -9.77 7.97 -13.60
N ARG A 133 -11.00 8.45 -13.44
CA ARG A 133 -12.18 7.71 -13.90
C ARG A 133 -12.19 7.45 -15.40
N VAL A 134 -12.87 6.38 -15.80
CA VAL A 134 -12.98 6.05 -17.21
C VAL A 134 -14.36 6.48 -17.70
N THR A 135 -15.37 6.33 -16.83
CA THR A 135 -16.73 6.71 -17.18
C THR A 135 -16.87 8.22 -17.31
N PRO A 136 -17.78 8.68 -18.18
CA PRO A 136 -18.06 10.10 -18.44
C PRO A 136 -18.37 10.92 -17.19
N VAL A 137 -17.85 12.15 -17.14
CA VAL A 137 -18.12 13.03 -16.01
C VAL A 137 -19.62 13.31 -15.99
N GLY A 138 -20.10 14.02 -14.98
CA GLY A 138 -21.53 14.30 -14.91
C GLY A 138 -22.33 13.08 -14.51
N THR A 139 -21.92 11.91 -14.99
CA THR A 139 -22.60 10.65 -14.68
C THR A 139 -21.99 10.06 -13.41
N PRO A 140 -22.62 9.02 -12.86
CA PRO A 140 -22.11 8.39 -11.64
C PRO A 140 -21.05 7.33 -11.97
N VAL A 141 -19.99 7.26 -11.16
CA VAL A 141 -18.93 6.27 -11.38
C VAL A 141 -19.47 4.85 -11.23
N THR A 142 -18.80 3.89 -11.86
CA THR A 142 -19.21 2.49 -11.80
C THR A 142 -18.01 1.62 -11.46
N GLU A 143 -18.26 0.35 -11.10
CA GLU A 143 -17.17 -0.56 -10.77
C GLU A 143 -16.11 -0.50 -11.86
N GLU A 144 -16.55 -0.19 -13.07
CA GLU A 144 -15.65 -0.10 -14.21
C GLU A 144 -14.49 0.85 -13.89
N ASP A 145 -14.80 1.91 -13.15
CA ASP A 145 -13.80 2.90 -12.77
C ASP A 145 -12.85 2.37 -11.68
N PHE A 146 -13.31 1.39 -10.92
CA PHE A 146 -12.50 0.80 -9.84
C PHE A 146 -11.82 -0.51 -10.21
N LEU A 147 -12.20 -1.09 -11.35
CA LEU A 147 -11.62 -2.36 -11.79
C LEU A 147 -10.53 -2.19 -12.83
N GLN A 148 -9.83 -1.05 -12.77
CA GLN A 148 -8.75 -0.81 -13.71
C GLN A 148 -7.48 -1.49 -13.19
N PRO A 149 -6.54 -1.81 -14.09
CA PRO A 149 -5.29 -2.46 -13.69
C PRO A 149 -4.36 -1.49 -12.98
N GLY A 150 -3.63 -2.02 -11.99
CA GLY A 150 -2.71 -1.21 -11.21
C GLY A 150 -1.85 -0.23 -11.98
N ASN A 151 -1.50 -0.59 -13.22
CA ASN A 151 -0.64 0.28 -14.02
C ASN A 151 -1.32 1.57 -14.49
N LYS A 152 -2.58 1.75 -14.16
CA LYS A 152 -3.28 2.97 -14.56
C LYS A 152 -3.41 3.98 -13.41
N GLN A 153 -2.99 3.59 -12.21
CA GLN A 153 -3.06 4.49 -11.07
C GLN A 153 -2.25 5.74 -11.37
N VAL A 154 -2.75 6.89 -10.95
CA VAL A 154 -2.02 8.13 -11.15
C VAL A 154 -1.39 8.53 -9.81
N ALA A 155 -1.80 7.86 -8.75
CA ALA A 155 -1.28 8.15 -7.42
C ALA A 155 -1.50 6.98 -6.46
N ALA A 156 -0.58 6.83 -5.52
CA ALA A 156 -0.67 5.78 -4.52
C ALA A 156 0.25 6.12 -3.38
N GLY A 157 -0.06 5.58 -2.20
CA GLY A 157 0.76 5.84 -1.04
C GLY A 157 0.17 5.22 0.22
N TYR A 158 0.79 5.53 1.35
CA TYR A 158 0.30 5.00 2.60
C TYR A 158 0.64 5.92 3.74
N VAL A 159 -0.01 5.68 4.86
CA VAL A 159 0.24 6.43 6.08
C VAL A 159 0.62 5.36 7.07
N VAL A 160 1.70 5.59 7.81
CA VAL A 160 2.10 4.62 8.81
C VAL A 160 2.04 5.32 10.16
N TYR A 161 1.31 4.72 11.08
CA TYR A 161 1.17 5.27 12.42
C TYR A 161 2.05 4.46 13.34
N GLY A 162 3.28 4.92 13.54
CA GLY A 162 4.22 4.20 14.40
C GLY A 162 4.75 5.09 15.49
N SER A 163 6.02 4.93 15.84
CA SER A 163 6.62 5.78 16.87
C SER A 163 6.34 7.22 16.47
N SER A 164 6.19 7.44 15.16
CA SER A 164 5.85 8.74 14.60
C SER A 164 4.92 8.44 13.43
N THR A 165 4.15 9.43 13.00
CA THR A 165 3.23 9.24 11.89
C THR A 165 3.78 9.83 10.60
N LEU A 167 3.59 9.99 6.10
CA LEU A 167 2.78 9.83 4.91
C LEU A 167 3.78 9.63 3.78
N VAL A 168 3.54 8.59 2.98
CA VAL A 168 4.42 8.25 1.87
C VAL A 168 3.57 8.11 0.60
N TYR A 169 4.03 8.65 -0.52
CA TYR A 169 3.25 8.57 -1.76
C TYR A 169 4.09 8.77 -3.02
N THR A 170 3.50 8.46 -4.17
CA THR A 170 4.13 8.64 -5.47
C THR A 170 3.05 8.89 -6.53
N THR A 171 3.46 9.56 -7.60
CA THR A 171 2.55 9.85 -8.71
C THR A 171 3.21 9.33 -9.97
N GLY A 172 4.38 8.71 -9.80
CA GLY A 172 5.12 8.17 -10.92
C GLY A 172 6.52 8.75 -11.10
N CYS A 173 6.94 9.58 -10.16
CA CYS A 173 8.27 10.20 -10.23
C CYS A 173 8.99 10.08 -8.90
N GLY A 174 9.20 8.85 -8.44
CA GLY A 174 9.89 8.66 -7.18
C GLY A 174 8.93 8.54 -6.01
N VAL A 175 9.44 8.05 -4.88
CA VAL A 175 8.63 7.88 -3.68
C VAL A 175 9.02 8.93 -2.66
N HIS A 176 8.04 9.75 -2.27
CA HIS A 176 8.26 10.83 -1.32
C HIS A 176 7.67 10.54 0.07
N ALA A 177 8.46 10.80 1.11
CA ALA A 177 8.01 10.58 2.48
C ALA A 177 8.00 11.85 3.35
N PHE A 178 6.95 11.99 4.15
CA PHE A 178 6.76 13.14 5.03
C PHE A 178 6.45 12.67 6.45
N THR A 179 6.98 13.40 7.44
CA THR A 179 6.76 13.06 8.86
C THR A 179 5.92 14.14 9.53
N TYR A 180 4.89 13.72 10.28
CA TYR A 180 4.01 14.64 10.99
C TYR A 180 4.75 15.24 12.16
N ASP A 181 4.76 16.58 12.26
CA ASP A 181 5.43 17.22 13.38
C ASP A 181 4.36 17.69 14.37
N PRO A 182 4.18 16.96 15.47
CA PRO A 182 3.19 17.30 16.49
C PRO A 182 3.37 18.73 17.01
N SER A 183 4.60 19.21 17.04
CA SER A 183 4.89 20.57 17.52
C SER A 183 4.24 21.63 16.65
N LEU A 184 4.09 21.32 15.37
CA LEU A 184 3.52 22.27 14.42
C LEU A 184 2.15 21.89 13.94
N GLY A 185 1.88 20.60 13.85
CA GLY A 185 0.60 20.14 13.35
C GLY A 185 0.67 20.16 11.84
N VAL A 186 1.81 19.78 11.29
CA VAL A 186 2.02 19.76 9.84
C VAL A 186 2.96 18.64 9.40
N PHE A 187 2.81 18.19 8.15
CA PHE A 187 3.67 17.14 7.64
C PHE A 187 4.85 17.79 6.93
N CYS A 188 6.06 17.33 7.25
CA CYS A 188 7.27 17.87 6.66
C CYS A 188 8.04 16.82 5.89
N LEU A 189 8.63 17.26 4.78
CA LEU A 189 9.43 16.38 3.94
C LEU A 189 10.59 15.85 4.77
N CYS A 190 10.84 14.56 4.69
CA CYS A 190 11.97 13.99 5.42
C CYS A 190 12.82 13.15 4.47
N GLN A 191 12.27 12.82 3.30
CA GLN A 191 12.97 12.04 2.29
C GLN A 191 12.24 12.20 0.96
N GLU A 192 12.91 12.85 0.00
CA GLU A 192 12.35 13.13 -1.31
C GLU A 192 12.41 12.03 -2.37
N ARG A 193 13.36 11.12 -2.23
CA ARG A 193 13.52 10.04 -3.19
C ARG A 193 13.91 8.78 -2.44
N ARG A 195 14.56 4.95 -2.04
CA ARG A 195 14.97 3.88 -2.93
C ARG A 195 15.41 2.67 -2.12
N PHE A 196 15.08 1.47 -2.60
CA PHE A 196 15.51 0.27 -1.90
C PHE A 196 17.03 0.27 -1.96
N PRO A 197 17.70 -0.24 -0.92
CA PRO A 197 19.17 -0.24 -1.03
C PRO A 197 19.58 -1.22 -2.13
N GLU A 198 20.88 -1.31 -2.40
CA GLU A 198 21.36 -2.20 -3.44
C GLU A 198 20.95 -3.66 -3.24
N LYS A 199 20.95 -4.12 -1.99
CA LYS A 199 20.57 -5.50 -1.67
C LYS A 199 19.76 -5.58 -0.38
N GLY A 200 19.03 -6.68 -0.21
CA GLY A 200 18.22 -6.88 0.97
C GLY A 200 18.70 -8.07 1.77
N LYS A 201 18.41 -8.08 3.08
CA LYS A 201 18.87 -9.18 3.94
C LYS A 201 17.82 -9.56 4.99
N THR A 202 16.58 -9.18 4.72
CA THR A 202 15.48 -9.45 5.63
C THR A 202 14.30 -10.00 4.84
N TYR A 203 13.63 -11.00 5.38
CA TYR A 203 12.44 -11.52 4.72
C TYR A 203 11.31 -11.41 5.74
N SER A 204 10.14 -11.00 5.27
CA SER A 204 8.97 -10.83 6.12
C SER A 204 7.84 -11.71 5.65
N ILE A 205 7.52 -12.71 6.46
CA ILE A 205 6.46 -13.64 6.13
C ILE A 205 6.00 -14.27 7.44
N ASN A 206 4.77 -14.75 7.49
CA ASN A 206 4.21 -15.39 8.68
C ASN A 206 4.60 -16.87 8.59
N GLU A 207 5.78 -17.22 9.10
CA GLU A 207 6.22 -18.60 9.01
C GLU A 207 5.33 -19.62 9.73
N GLY A 208 4.35 -19.12 10.47
CA GLY A 208 3.45 -20.01 11.16
C GLY A 208 2.70 -20.86 10.13
N ASN A 209 2.37 -20.25 8.99
CA ASN A 209 1.67 -20.93 7.90
C ASN A 209 2.62 -21.72 6.99
N TYR A 210 3.72 -22.22 7.55
CA TYR A 210 4.71 -22.94 6.75
C TYR A 210 4.20 -24.13 5.91
N ILE A 211 3.77 -25.20 6.58
CA ILE A 211 3.31 -26.41 5.90
C ILE A 211 2.35 -26.21 4.72
N LYS A 212 1.56 -25.15 4.76
CA LYS A 212 0.61 -24.87 3.69
C LYS A 212 1.14 -23.94 2.58
N PHE A 213 2.36 -23.45 2.73
CA PHE A 213 2.93 -22.57 1.72
C PHE A 213 3.24 -23.34 0.43
N PRO A 214 3.27 -22.62 -0.72
CA PRO A 214 3.57 -23.31 -1.97
C PRO A 214 4.98 -23.86 -1.81
N ASN A 215 5.26 -25.00 -2.43
CA ASN A 215 6.56 -25.65 -2.32
C ASN A 215 7.71 -24.72 -2.68
N GLY A 216 7.53 -23.91 -3.71
CA GLY A 216 8.58 -22.99 -4.12
C GLY A 216 8.92 -21.96 -3.06
N VAL A 217 7.92 -21.58 -2.26
CA VAL A 217 8.13 -20.60 -1.20
C VAL A 217 8.87 -21.23 -0.02
N LYS A 218 8.55 -22.49 0.26
CA LYS A 218 9.22 -23.19 1.36
C LYS A 218 10.70 -23.36 1.01
N LYS A 219 10.98 -23.59 -0.26
CA LYS A 219 12.36 -23.73 -0.72
C LYS A 219 13.06 -22.39 -0.53
N TYR A 220 12.38 -21.31 -0.91
CA TYR A 220 12.94 -19.98 -0.75
C TYR A 220 13.25 -19.71 0.73
N ILE A 221 12.32 -20.07 1.61
CA ILE A 221 12.54 -19.86 3.03
C ILE A 221 13.84 -20.54 3.42
N LYS A 222 13.97 -21.81 3.04
CA LYS A 222 15.18 -22.58 3.32
C LYS A 222 16.39 -21.84 2.79
N PHE A 223 16.27 -21.35 1.57
CA PHE A 223 17.34 -20.59 0.93
C PHE A 223 17.76 -19.46 1.87
N CYS A 224 16.78 -18.69 2.33
CA CYS A 224 17.02 -17.57 3.23
C CYS A 224 17.77 -17.98 4.50
N GLN A 225 17.53 -19.20 4.96
CA GLN A 225 18.15 -19.67 6.20
C GLN A 225 19.52 -20.36 6.05
N GLU A 226 19.96 -20.56 4.81
CA GLU A 226 21.26 -21.20 4.58
C GLU A 226 22.41 -20.28 4.96
N GLU A 227 23.56 -20.87 5.29
CA GLU A 227 24.74 -20.09 5.67
C GLU A 227 25.62 -19.87 4.45
N ASP A 228 25.71 -18.62 4.02
CA ASP A 228 26.53 -18.25 2.87
C ASP A 228 26.87 -16.77 2.96
N LYS A 229 27.79 -16.44 3.87
CA LYS A 229 28.22 -15.07 4.10
C LYS A 229 28.45 -14.27 2.82
N SER A 230 28.79 -14.97 1.74
CA SER A 230 29.03 -14.30 0.47
C SER A 230 27.78 -13.57 -0.04
N THR A 231 26.61 -14.04 0.38
CA THR A 231 25.35 -13.44 -0.05
C THR A 231 24.53 -12.91 1.13
N ASN A 232 25.20 -12.70 2.26
CA ASN A 232 24.52 -12.18 3.45
C ASN A 232 23.48 -13.15 4.00
N ARG A 233 23.72 -14.43 3.80
CA ARG A 233 22.80 -15.44 4.30
C ARG A 233 23.43 -16.18 5.47
N PRO A 234 22.62 -16.62 6.46
CA PRO A 234 21.16 -16.46 6.52
C PRO A 234 20.68 -15.03 6.70
N TYR A 235 19.48 -14.76 6.21
CA TYR A 235 18.88 -13.44 6.32
C TYR A 235 18.26 -13.27 7.70
N THR A 236 17.83 -12.05 8.00
CA THR A 236 17.19 -11.74 9.26
C THR A 236 15.68 -11.86 9.02
N SER A 237 14.95 -12.26 10.05
CA SER A 237 13.51 -12.41 9.93
C SER A 237 12.81 -11.30 10.71
N ARG A 238 11.93 -10.57 10.02
CA ARG A 238 11.16 -9.51 10.67
C ARG A 238 9.74 -9.59 10.13
N TYR A 239 8.78 -9.58 11.05
CA TYR A 239 7.39 -9.63 10.64
C TYR A 239 6.56 -8.94 11.72
N ILE A 240 6.17 -7.71 11.42
CA ILE A 240 5.39 -6.89 12.34
C ILE A 240 3.91 -7.28 12.34
N GLY A 241 3.39 -7.70 11.19
CA GLY A 241 2.00 -8.10 11.13
C GLY A 241 1.17 -7.01 10.48
N SER A 242 1.84 -5.94 10.09
CA SER A 242 1.18 -4.85 9.41
C SER A 242 1.92 -4.67 8.10
N LEU A 243 1.21 -4.84 6.99
CA LEU A 243 1.83 -4.71 5.68
C LEU A 243 2.52 -3.37 5.47
N VAL A 244 1.90 -2.29 5.92
CA VAL A 244 2.46 -0.96 5.76
C VAL A 244 3.76 -0.81 6.53
N ALA A 245 3.80 -1.35 7.74
CA ALA A 245 4.99 -1.26 8.58
C ALA A 245 6.14 -2.13 8.08
N ASP A 246 5.82 -3.33 7.61
CA ASP A 246 6.83 -4.24 7.10
C ASP A 246 7.40 -3.70 5.77
N PHE A 247 6.51 -3.16 4.94
CA PHE A 247 6.91 -2.59 3.66
C PHE A 247 7.87 -1.42 3.90
N HIS A 248 7.44 -0.49 4.75
CA HIS A 248 8.22 0.70 5.09
C HIS A 248 9.65 0.35 5.50
N ARG A 249 9.79 -0.59 6.42
CA ARG A 249 11.11 -1.00 6.89
C ARG A 249 11.94 -1.59 5.75
N ASN A 250 11.37 -2.53 5.01
CA ASN A 250 12.10 -3.17 3.92
C ASN A 250 12.54 -2.19 2.85
N LEU A 251 11.81 -1.11 2.67
CA LEU A 251 12.17 -0.12 1.66
C LEU A 251 13.38 0.69 2.14
N LEU A 252 13.39 1.02 3.42
CA LEU A 252 14.50 1.78 3.98
C LEU A 252 15.74 0.92 4.17
N LYS A 253 15.55 -0.30 4.67
CA LYS A 253 16.67 -1.20 4.96
C LYS A 253 16.91 -2.33 3.98
N GLY A 254 16.00 -2.52 3.03
CA GLY A 254 16.16 -3.60 2.09
C GLY A 254 15.51 -4.85 2.68
N GLY A 255 14.80 -5.58 1.85
CA GLY A 255 14.12 -6.77 2.31
C GLY A 255 12.98 -7.11 1.38
N ILE A 256 12.29 -8.21 1.69
CA ILE A 256 11.17 -8.66 0.87
C ILE A 256 10.02 -9.02 1.78
N TYR A 257 8.79 -8.74 1.33
CA TYR A 257 7.59 -9.08 2.08
C TYR A 257 6.85 -10.12 1.27
N LEU A 258 6.45 -11.21 1.92
CA LEU A 258 5.74 -12.28 1.26
C LEU A 258 4.45 -12.68 1.92
N TYR A 259 3.43 -12.91 1.09
CA TYR A 259 2.15 -13.39 1.57
C TYR A 259 1.58 -14.23 0.43
N PRO A 260 1.98 -15.50 0.37
CA PRO A 260 1.55 -16.47 -0.64
C PRO A 260 0.19 -17.04 -0.29
N SER A 261 -0.29 -17.94 -1.14
CA SER A 261 -1.57 -18.58 -0.90
C SER A 261 -1.33 -19.59 0.21
N THR A 262 -2.36 -19.82 1.02
CA THR A 262 -2.28 -20.76 2.12
C THR A 262 -3.56 -21.60 2.14
N ALA A 263 -3.78 -22.29 3.24
CA ALA A 263 -4.98 -23.12 3.39
C ALA A 263 -6.17 -22.19 3.51
N SER A 264 -6.04 -21.18 4.36
CA SER A 264 -7.09 -20.20 4.61
C SER A 264 -7.31 -19.28 3.43
N HIS A 265 -6.27 -19.03 2.67
CA HIS A 265 -6.38 -18.14 1.53
C HIS A 265 -5.78 -18.72 0.27
N PRO A 266 -6.60 -19.45 -0.50
CA PRO A 266 -6.19 -20.09 -1.76
C PRO A 266 -5.56 -19.12 -2.74
N ASP A 267 -6.06 -17.89 -2.78
CA ASP A 267 -5.52 -16.86 -3.69
C ASP A 267 -4.75 -15.79 -2.92
N GLY A 268 -4.10 -16.16 -1.83
CA GLY A 268 -3.39 -15.17 -1.04
C GLY A 268 -4.42 -14.47 -0.16
N LYS A 269 -3.96 -13.61 0.73
CA LYS A 269 -4.91 -12.91 1.61
C LYS A 269 -5.16 -11.48 1.19
N LEU A 270 -4.11 -10.81 0.73
CA LEU A 270 -4.21 -9.41 0.36
C LEU A 270 -5.16 -9.16 -0.80
N ARG A 271 -5.81 -8.00 -0.77
CA ARG A 271 -6.72 -7.60 -1.82
C ARG A 271 -5.87 -7.00 -2.92
N LEU A 272 -6.14 -7.39 -4.17
CA LEU A 272 -5.38 -6.91 -5.32
C LEU A 272 -5.49 -5.40 -5.54
N LEU A 273 -6.71 -4.88 -5.39
CA LEU A 273 -6.96 -3.48 -5.64
C LEU A 273 -6.67 -2.52 -4.49
N TYR A 274 -7.01 -2.91 -3.27
CA TYR A 274 -6.81 -2.05 -2.12
C TYR A 274 -5.45 -2.16 -1.43
N GLU A 275 -4.72 -3.23 -1.69
CA GLU A 275 -3.42 -3.40 -1.05
C GLU A 275 -2.28 -3.64 -2.01
N CYS A 276 -2.40 -4.69 -2.84
CA CYS A 276 -1.34 -5.03 -3.79
C CYS A 276 -0.93 -3.97 -4.79
N ASN A 277 -1.88 -3.43 -5.54
CA ASN A 277 -1.54 -2.44 -6.56
C ASN A 277 -0.83 -1.18 -6.06
N PRO A 278 -1.38 -0.52 -5.04
CA PRO A 278 -0.71 0.69 -4.56
C PRO A 278 0.70 0.41 -4.05
N ALA A 280 2.54 -1.94 -4.86
CA ALA A 280 3.31 -2.36 -6.02
C ALA A 280 3.82 -1.13 -6.78
N PHE A 281 2.92 -0.17 -7.00
CA PHE A 281 3.26 1.08 -7.70
C PHE A 281 4.38 1.77 -6.90
N LEU A 282 4.31 1.65 -5.58
CA LEU A 282 5.31 2.27 -4.71
C LEU A 282 6.64 1.50 -4.74
N ALA A 283 6.57 0.18 -4.60
CA ALA A 283 7.77 -0.62 -4.62
C ALA A 283 8.54 -0.33 -5.91
N GLU A 284 7.83 -0.36 -7.03
CA GLU A 284 8.46 -0.12 -8.32
C GLU A 284 9.09 1.25 -8.45
N GLN A 285 8.38 2.28 -8.01
CA GLN A 285 8.89 3.64 -8.08
C GLN A 285 10.12 3.83 -7.20
N ALA A 286 10.36 2.87 -6.30
CA ALA A 286 11.50 2.92 -5.40
C ALA A 286 12.65 2.04 -5.91
N GLY A 287 12.45 1.44 -7.08
CA GLY A 287 13.47 0.59 -7.66
C GLY A 287 13.30 -0.87 -7.31
N GLY A 288 12.17 -1.19 -6.69
CA GLY A 288 11.89 -2.55 -6.28
C GLY A 288 11.06 -3.30 -7.29
N LYS A 289 10.44 -4.39 -6.85
CA LYS A 289 9.63 -5.24 -7.73
C LYS A 289 8.46 -5.83 -6.95
N ALA A 290 7.30 -5.94 -7.62
CA ALA A 290 6.10 -6.50 -7.00
C ALA A 290 5.50 -7.55 -7.90
N SER A 291 5.41 -8.78 -7.38
CA SER A 291 4.90 -9.92 -8.14
C SER A 291 3.96 -10.81 -7.33
N ASP A 292 3.19 -11.65 -8.02
CA ASP A 292 2.28 -12.59 -7.36
C ASP A 292 2.94 -13.96 -7.43
N GLY A 293 4.24 -13.95 -7.75
CA GLY A 293 5.00 -15.18 -7.85
C GLY A 293 5.31 -15.52 -9.30
N LYS A 294 4.51 -14.98 -10.22
CA LYS A 294 4.69 -15.25 -11.64
C LYS A 294 4.60 -13.97 -12.46
N GLU A 295 3.46 -13.29 -12.41
CA GLU A 295 3.30 -12.05 -13.17
C GLU A 295 3.37 -10.76 -12.38
N ARG A 296 3.55 -9.67 -13.11
CA ARG A 296 3.63 -8.34 -12.53
C ARG A 296 2.27 -7.92 -12.00
N ILE A 297 2.20 -7.66 -10.69
CA ILE A 297 0.95 -7.24 -10.05
C ILE A 297 0.24 -6.11 -10.80
N LEU A 298 1.01 -5.10 -11.21
CA LEU A 298 0.45 -3.94 -11.90
C LEU A 298 -0.20 -4.19 -13.27
N ASP A 299 0.09 -5.34 -13.87
CA ASP A 299 -0.50 -5.65 -15.17
C ASP A 299 -1.63 -6.66 -15.11
N ILE A 300 -2.01 -7.05 -13.91
CA ILE A 300 -3.10 -8.00 -13.75
C ILE A 300 -4.44 -7.29 -13.99
N ILE A 301 -5.31 -7.90 -14.77
CA ILE A 301 -6.61 -7.31 -15.04
C ILE A 301 -7.56 -7.77 -13.93
N PRO A 302 -8.07 -6.82 -13.13
CA PRO A 302 -8.99 -7.19 -12.05
C PRO A 302 -10.27 -7.83 -12.56
N GLU A 303 -10.80 -8.79 -11.82
CA GLU A 303 -12.02 -9.48 -12.20
C GLU A 303 -13.15 -9.11 -11.25
N THR A 304 -12.84 -8.94 -9.98
CA THR A 304 -13.83 -8.57 -8.98
C THR A 304 -13.28 -7.48 -8.07
N LEU A 305 -14.17 -6.81 -7.36
CA LEU A 305 -13.76 -5.73 -6.47
C LEU A 305 -12.91 -6.21 -5.30
N HIS A 306 -13.25 -7.38 -4.77
CA HIS A 306 -12.52 -7.90 -3.62
C HIS A 306 -11.57 -9.07 -3.93
N GLN A 307 -11.10 -9.13 -5.18
CA GLN A 307 -10.19 -10.17 -5.63
C GLN A 307 -8.90 -10.14 -4.77
N ARG A 308 -8.46 -11.31 -4.33
CA ARG A 308 -7.24 -11.39 -3.53
C ARG A 308 -6.14 -11.88 -4.45
N ARG A 309 -4.89 -11.81 -3.99
CA ARG A 309 -3.76 -12.23 -4.81
C ARG A 309 -2.51 -12.48 -3.97
N SER A 310 -1.68 -13.45 -4.37
CA SER A 310 -0.42 -13.73 -3.68
C SER A 310 0.39 -12.46 -3.90
N PHE A 311 1.26 -12.13 -2.95
CA PHE A 311 2.04 -10.90 -3.07
C PHE A 311 3.48 -11.11 -2.63
N PHE A 312 4.42 -10.69 -3.49
CA PHE A 312 5.85 -10.77 -3.20
C PHE A 312 6.41 -9.43 -3.66
N VAL A 313 6.77 -8.58 -2.71
CA VAL A 313 7.26 -7.24 -2.99
C VAL A 313 8.53 -6.88 -2.23
N GLY A 314 9.41 -6.11 -2.85
CA GLY A 314 10.65 -5.71 -2.19
C GLY A 314 11.81 -5.59 -3.14
N ASN A 315 13.03 -5.79 -2.63
CA ASN A 315 14.22 -5.72 -3.48
C ASN A 315 14.02 -6.64 -4.68
N ASP A 316 14.38 -6.16 -5.86
CA ASP A 316 14.22 -6.92 -7.10
C ASP A 316 14.87 -8.31 -7.11
N HIS A 317 16.11 -8.41 -6.62
CA HIS A 317 16.81 -9.69 -6.62
C HIS A 317 16.15 -10.73 -5.72
N VAL A 319 12.80 -10.81 -4.95
CA VAL A 319 11.54 -11.22 -5.59
C VAL A 319 11.86 -12.22 -6.71
N GLU A 320 12.90 -11.91 -7.49
CA GLU A 320 13.32 -12.78 -8.58
C GLU A 320 13.66 -14.16 -8.04
N ASP A 321 14.37 -14.23 -6.91
CA ASP A 321 14.71 -15.52 -6.32
C ASP A 321 13.43 -16.30 -6.07
N VAL A 322 12.46 -15.64 -5.42
CA VAL A 322 11.18 -16.25 -5.12
C VAL A 322 10.54 -16.78 -6.41
N GLU A 323 10.55 -15.94 -7.44
CA GLU A 323 9.96 -16.33 -8.72
C GLU A 323 10.65 -17.56 -9.29
N ARG A 324 11.97 -17.61 -9.13
CA ARG A 324 12.75 -18.73 -9.63
C ARG A 324 12.41 -20.03 -8.90
N PHE A 325 12.36 -20.01 -7.58
CA PHE A 325 12.04 -21.21 -6.82
C PHE A 325 10.65 -21.73 -7.16
N ILE A 326 9.71 -20.81 -7.38
CA ILE A 326 8.35 -21.20 -7.73
C ILE A 326 8.39 -21.95 -9.05
N ARG A 327 9.22 -21.45 -9.96
CA ARG A 327 9.40 -22.03 -11.28
C ARG A 327 9.97 -23.45 -11.15
N GLU A 328 11.15 -23.55 -10.53
CA GLU A 328 11.80 -24.83 -10.36
C GLU A 328 11.05 -25.83 -9.47
N PHE A 329 10.17 -25.31 -8.61
CA PHE A 329 9.38 -26.18 -7.74
C PHE A 329 7.90 -25.79 -7.79
N PRO A 330 7.20 -26.17 -8.87
CA PRO A 330 5.78 -25.84 -9.02
C PRO A 330 4.87 -26.71 -8.15
N ASP A 331 3.61 -26.31 -8.05
CA ASP A 331 2.62 -27.03 -7.26
C ASP A 331 3.10 -27.18 -5.83
N ALA A 332 2.41 -26.51 -4.90
CA ALA A 332 2.76 -26.55 -3.48
C ALA A 332 3.11 -27.94 -2.97
#